data_2HAM
#
_entry.id   2HAM
#
_cell.length_a   45.060
_cell.length_b   51.326
_cell.length_c   131.304
_cell.angle_alpha   90.00
_cell.angle_beta   90.00
_cell.angle_gamma   90.00
#
_symmetry.space_group_name_H-M   'P 21 21 21'
#
loop_
_entity.id
_entity.type
_entity.pdbx_description
1 polymer 'Vitamin D3 receptor'
2 non-polymer '2ALPHA-PROPYL-1ALPHA,25-DIHYDROXYVITAMIN D3'
3 water water
#
_entity_poly.entity_id   1
_entity_poly.type   'polypeptide(L)'
_entity_poly.pdbx_seq_one_letter_code
;GSHMDSLRPKLSEEQQRIIAILLDAHHKTYDPTYSDFCQFRPPVRVNDGGGSVTLELSQLSMLPHLADLVSYSIQKVIGF
AKMIPGFRDLTSEDQIVLLKSSAIEVIMLRSNESFTMDDMSWTCGNQDYKYRVSDVTKAGHSLELIEPLIKFQVGLKKLN
LHEEEHVLLMAICIVSPDRPGVQDAALIEAIQDRLSNTLQTYIRCRHPPPGSHLLYAKMIQKLADLRSLNEEHSKQYRCL
SFQPECSMKLTPLVLEVFGNEIS
;
_entity_poly.pdbx_strand_id   A
#
# COMPACT_ATOMS: atom_id res chain seq x y z
N SER A 6 -15.72 12.80 -23.14
CA SER A 6 -16.83 13.72 -23.52
C SER A 6 -18.06 13.48 -22.64
N LEU A 7 -18.69 12.32 -22.81
CA LEU A 7 -19.88 11.98 -22.04
C LEU A 7 -19.54 11.87 -20.56
N ARG A 8 -20.43 12.39 -19.73
CA ARG A 8 -20.24 12.36 -18.28
C ARG A 8 -21.46 11.77 -17.60
N PRO A 9 -21.64 10.45 -17.72
CA PRO A 9 -22.79 9.79 -17.11
C PRO A 9 -22.76 9.88 -15.59
N LYS A 10 -23.93 9.92 -14.98
CA LYS A 10 -24.03 10.00 -13.54
C LYS A 10 -23.67 8.66 -12.95
N LEU A 11 -23.26 8.66 -11.68
CA LEU A 11 -22.91 7.41 -11.01
C LEU A 11 -24.23 6.68 -10.81
N SER A 12 -24.23 5.38 -11.07
CA SER A 12 -25.44 4.60 -10.90
C SER A 12 -25.64 4.37 -9.40
N GLU A 13 -26.81 3.86 -9.04
CA GLU A 13 -27.13 3.57 -7.65
C GLU A 13 -26.07 2.60 -7.09
N GLU A 14 -25.75 1.59 -7.88
CA GLU A 14 -24.76 0.59 -7.49
C GLU A 14 -23.36 1.19 -7.31
N GLN A 15 -22.98 2.06 -8.23
CA GLN A 15 -21.67 2.70 -8.15
C GLN A 15 -21.57 3.58 -6.90
N GLN A 16 -22.66 4.25 -6.55
CA GLN A 16 -22.67 5.10 -5.37
C GLN A 16 -22.53 4.22 -4.13
N ARG A 17 -23.16 3.05 -4.18
CA ARG A 17 -23.12 2.10 -3.07
C ARG A 17 -21.70 1.57 -2.93
N ILE A 18 -21.08 1.23 -4.05
CA ILE A 18 -19.70 0.72 -4.03
C ILE A 18 -18.76 1.74 -3.38
N ILE A 19 -18.88 3.00 -3.79
CA ILE A 19 -18.03 4.05 -3.25
C ILE A 19 -18.27 4.24 -1.75
N ALA A 20 -19.54 4.24 -1.34
CA ALA A 20 -19.88 4.42 0.06
C ALA A 20 -19.28 3.28 0.88
N ILE A 21 -19.37 2.06 0.35
CA ILE A 21 -18.83 0.89 1.04
C ILE A 21 -17.32 0.99 1.19
N LEU A 22 -16.64 1.39 0.13
CA LEU A 22 -15.19 1.51 0.15
C LEU A 22 -14.71 2.62 1.09
N LEU A 23 -15.40 3.75 1.09
CA LEU A 23 -15.01 4.84 1.97
C LEU A 23 -15.16 4.40 3.42
N ASP A 24 -16.28 3.74 3.71
CA ASP A 24 -16.57 3.26 5.05
C ASP A 24 -15.52 2.23 5.46
N ALA A 25 -15.18 1.34 4.53
CA ALA A 25 -14.19 0.31 4.81
C ALA A 25 -12.86 0.95 5.16
N HIS A 26 -12.46 1.96 4.39
CA HIS A 26 -11.21 2.65 4.64
C HIS A 26 -11.23 3.37 5.98
N HIS A 27 -12.33 4.06 6.26
CA HIS A 27 -12.46 4.79 7.53
C HIS A 27 -12.36 3.86 8.73
N LYS A 28 -12.79 2.61 8.55
CA LYS A 28 -12.76 1.64 9.63
C LYS A 28 -11.43 0.89 9.73
N THR A 29 -10.61 0.97 8.69
CA THR A 29 -9.34 0.26 8.67
C THR A 29 -8.09 1.14 8.62
N TYR A 30 -8.27 2.45 8.56
CA TYR A 30 -7.14 3.36 8.53
C TYR A 30 -7.34 4.44 9.59
N ASP A 31 -6.56 4.35 10.67
CA ASP A 31 -6.64 5.30 11.77
C ASP A 31 -5.72 6.49 11.51
N PRO A 32 -6.29 7.64 11.12
CA PRO A 32 -5.52 8.85 10.82
C PRO A 32 -4.87 9.50 12.04
N THR A 33 -5.13 8.96 13.23
CA THR A 33 -4.53 9.50 14.44
C THR A 33 -3.34 8.65 14.86
N TYR A 34 -3.18 7.50 14.20
CA TYR A 34 -2.07 6.60 14.49
C TYR A 34 -1.95 6.27 15.98
N SER A 35 -3.11 6.06 16.61
CA SER A 35 -3.19 5.78 18.04
C SER A 35 -2.72 4.39 18.50
N ASP A 36 -2.53 3.45 17.57
CA ASP A 36 -2.09 2.11 17.96
C ASP A 36 -0.57 1.94 17.94
N PHE A 37 0.13 2.98 17.51
CA PHE A 37 1.60 2.91 17.39
C PHE A 37 2.38 2.62 18.67
N CYS A 38 1.83 2.98 19.82
CA CYS A 38 2.53 2.71 21.06
C CYS A 38 2.56 1.21 21.33
N GLN A 39 1.76 0.45 20.58
CA GLN A 39 1.71 -0.99 20.76
C GLN A 39 2.75 -1.75 19.93
N PHE A 40 3.42 -1.06 19.01
CA PHE A 40 4.43 -1.70 18.18
C PHE A 40 5.74 -1.71 18.97
N ARG A 41 6.66 -2.60 18.60
CA ARG A 41 7.95 -2.62 19.26
C ARG A 41 8.53 -1.24 18.99
N PRO A 42 9.20 -0.65 19.99
CA PRO A 42 9.78 0.68 19.83
C PRO A 42 10.79 0.89 18.72
N PRO A 43 10.73 2.08 18.09
CA PRO A 43 11.67 2.37 17.02
C PRO A 43 13.01 2.64 17.68
N VAL A 44 14.09 2.15 17.08
CA VAL A 44 15.43 2.37 17.60
C VAL A 44 16.24 2.88 16.42
N ARG A 45 16.85 4.04 16.59
CA ARG A 45 17.63 4.65 15.53
C ARG A 45 19.10 4.73 15.91
N VAL A 46 19.88 3.77 15.44
CA VAL A 46 21.31 3.73 15.73
C VAL A 46 22.06 4.74 14.88
N ASN A 47 23.19 5.22 15.37
CA ASN A 47 23.99 6.19 14.64
C ASN A 47 24.53 5.56 13.36
N ASP A 48 24.00 5.99 12.23
CA ASP A 48 24.41 5.47 10.94
C ASP A 48 24.30 6.54 9.86
N GLY A 49 24.93 7.68 10.11
CA GLY A 49 24.89 8.77 9.15
C GLY A 49 25.62 8.42 7.87
N GLY A 50 26.45 7.38 7.93
CA GLY A 50 27.20 6.96 6.76
C GLY A 50 26.45 5.99 5.88
N GLY A 51 25.30 5.52 6.36
CA GLY A 51 24.51 4.57 5.59
C GLY A 51 25.29 3.30 5.33
N SER A 52 25.91 2.75 6.37
CA SER A 52 26.69 1.52 6.25
C SER A 52 25.80 0.29 6.17
N VAL A 53 25.88 -0.43 5.06
CA VAL A 53 25.09 -1.65 4.91
C VAL A 53 25.47 -2.66 5.98
N THR A 54 26.76 -2.77 6.26
CA THR A 54 27.24 -3.71 7.26
C THR A 54 26.63 -3.39 8.62
N LEU A 55 26.69 -2.13 9.01
CA LEU A 55 26.14 -1.72 10.29
C LEU A 55 24.63 -1.92 10.33
N GLU A 56 23.96 -1.53 9.25
CA GLU A 56 22.51 -1.66 9.15
C GLU A 56 22.05 -3.10 9.29
N LEU A 57 22.72 -4.02 8.61
CA LEU A 57 22.35 -5.43 8.69
C LEU A 57 22.71 -6.03 10.04
N SER A 58 23.82 -5.58 10.62
CA SER A 58 24.23 -6.11 11.92
C SER A 58 23.26 -5.69 13.02
N GLN A 59 22.62 -4.54 12.84
CA GLN A 59 21.68 -4.02 13.84
C GLN A 59 20.20 -4.15 13.49
N LEU A 60 19.81 -3.74 12.28
CA LEU A 60 18.41 -3.80 11.87
C LEU A 60 17.60 -3.18 13.00
N SER A 61 18.11 -2.06 13.53
CA SER A 61 17.50 -1.35 14.64
C SER A 61 16.05 -0.91 14.46
N MET A 62 15.70 -0.52 13.23
CA MET A 62 14.33 -0.07 12.96
C MET A 62 13.42 -1.17 12.43
N LEU A 63 13.96 -2.37 12.23
CA LEU A 63 13.16 -3.46 11.68
C LEU A 63 12.01 -3.95 12.56
N PRO A 64 12.24 -4.15 13.87
CA PRO A 64 11.12 -4.62 14.69
C PRO A 64 9.93 -3.67 14.63
N HIS A 65 10.22 -2.37 14.72
CA HIS A 65 9.16 -1.36 14.70
C HIS A 65 8.46 -1.31 13.34
N LEU A 66 9.24 -1.25 12.26
CA LEU A 66 8.66 -1.21 10.92
C LEU A 66 7.95 -2.50 10.53
N ALA A 67 8.47 -3.63 10.99
CA ALA A 67 7.84 -4.92 10.70
C ALA A 67 6.47 -4.96 11.36
N ASP A 68 6.40 -4.45 12.59
CA ASP A 68 5.13 -4.41 13.34
C ASP A 68 4.17 -3.47 12.63
N LEU A 69 4.67 -2.31 12.21
CA LEU A 69 3.84 -1.33 11.51
C LEU A 69 3.27 -1.94 10.23
N VAL A 70 4.13 -2.61 9.46
CA VAL A 70 3.70 -3.25 8.23
C VAL A 70 2.76 -4.44 8.49
N SER A 71 3.06 -5.23 9.51
CA SER A 71 2.23 -6.38 9.84
C SER A 71 0.84 -5.87 10.25
N TYR A 72 0.84 -4.82 11.07
CA TYR A 72 -0.40 -4.21 11.54
C TYR A 72 -1.20 -3.75 10.32
N SER A 73 -0.48 -3.12 9.38
CA SER A 73 -1.10 -2.61 8.17
C SER A 73 -1.63 -3.69 7.27
N ILE A 74 -0.92 -4.82 7.20
CA ILE A 74 -1.39 -5.94 6.39
C ILE A 74 -2.71 -6.44 6.95
N GLN A 75 -2.84 -6.46 8.27
CA GLN A 75 -4.08 -6.93 8.88
C GLN A 75 -5.21 -5.98 8.53
N LYS A 76 -4.92 -4.68 8.51
CA LYS A 76 -5.96 -3.70 8.18
C LYS A 76 -6.35 -3.84 6.71
N VAL A 77 -5.35 -4.08 5.86
CA VAL A 77 -5.59 -4.25 4.43
C VAL A 77 -6.45 -5.49 4.18
N ILE A 78 -6.21 -6.55 4.95
CA ILE A 78 -7.00 -7.77 4.78
C ILE A 78 -8.46 -7.42 5.10
N GLY A 79 -8.67 -6.66 6.16
CA GLY A 79 -10.01 -6.26 6.54
C GLY A 79 -10.65 -5.37 5.48
N PHE A 80 -9.88 -4.43 4.94
CA PHE A 80 -10.38 -3.53 3.91
C PHE A 80 -10.78 -4.36 2.69
N ALA A 81 -9.89 -5.25 2.28
CA ALA A 81 -10.12 -6.12 1.13
C ALA A 81 -11.39 -6.95 1.27
N LYS A 82 -11.62 -7.49 2.47
CA LYS A 82 -12.80 -8.31 2.69
C LYS A 82 -14.09 -7.50 2.52
N MET A 83 -13.98 -6.18 2.64
CA MET A 83 -15.15 -5.31 2.49
C MET A 83 -15.35 -4.80 1.07
N ILE A 84 -14.41 -5.11 0.19
CA ILE A 84 -14.54 -4.68 -1.20
C ILE A 84 -15.69 -5.46 -1.82
N PRO A 85 -16.68 -4.75 -2.39
CA PRO A 85 -17.82 -5.42 -3.02
C PRO A 85 -17.34 -6.46 -4.02
N GLY A 86 -17.82 -7.69 -3.87
CA GLY A 86 -17.42 -8.75 -4.78
C GLY A 86 -16.25 -9.60 -4.33
N PHE A 87 -15.41 -9.07 -3.44
CA PHE A 87 -14.25 -9.82 -2.97
C PHE A 87 -14.67 -11.15 -2.36
N ARG A 88 -15.75 -11.14 -1.60
CA ARG A 88 -16.24 -12.35 -0.95
C ARG A 88 -16.76 -13.37 -1.96
N ASP A 89 -16.99 -12.94 -3.19
CA ASP A 89 -17.49 -13.83 -4.23
C ASP A 89 -16.36 -14.71 -4.78
N LEU A 90 -15.13 -14.35 -4.43
CA LEU A 90 -13.97 -15.10 -4.87
C LEU A 90 -13.71 -16.29 -3.95
N THR A 91 -13.01 -17.29 -4.45
CA THR A 91 -12.66 -18.46 -3.66
C THR A 91 -11.66 -18.00 -2.61
N SER A 92 -11.60 -18.71 -1.49
CA SER A 92 -10.67 -18.36 -0.43
C SER A 92 -9.25 -18.39 -1.00
N GLU A 93 -9.01 -19.33 -1.91
CA GLU A 93 -7.70 -19.48 -2.53
C GLU A 93 -7.31 -18.22 -3.30
N ASP A 94 -8.22 -17.70 -4.11
CA ASP A 94 -7.95 -16.51 -4.89
C ASP A 94 -7.84 -15.26 -4.00
N GLN A 95 -8.64 -15.21 -2.94
CA GLN A 95 -8.59 -14.07 -2.04
C GLN A 95 -7.20 -13.98 -1.43
N ILE A 96 -6.68 -15.11 -0.95
CA ILE A 96 -5.36 -15.14 -0.33
C ILE A 96 -4.25 -14.79 -1.33
N VAL A 97 -4.37 -15.30 -2.55
CA VAL A 97 -3.39 -15.00 -3.59
C VAL A 97 -3.34 -13.50 -3.85
N LEU A 98 -4.51 -12.88 -3.99
CA LEU A 98 -4.59 -11.45 -4.26
C LEU A 98 -4.04 -10.64 -3.10
N LEU A 99 -4.40 -11.02 -1.89
CA LEU A 99 -3.93 -10.32 -0.70
C LEU A 99 -2.40 -10.36 -0.56
N LYS A 100 -1.84 -11.57 -0.65
CA LYS A 100 -0.40 -11.72 -0.51
C LYS A 100 0.37 -10.98 -1.58
N SER A 101 -0.15 -10.99 -2.81
CA SER A 101 0.54 -10.32 -3.90
C SER A 101 0.40 -8.80 -3.92
N SER A 102 -0.69 -8.28 -3.36
CA SER A 102 -0.91 -6.83 -3.37
C SER A 102 -0.61 -6.14 -2.04
N ALA A 103 -0.46 -6.91 -0.98
CA ALA A 103 -0.20 -6.35 0.35
C ALA A 103 0.78 -5.18 0.40
N ILE A 104 2.00 -5.39 -0.08
CA ILE A 104 3.01 -4.34 -0.04
C ILE A 104 2.62 -3.15 -0.91
N GLU A 105 1.96 -3.40 -2.03
CA GLU A 105 1.54 -2.31 -2.92
C GLU A 105 0.44 -1.46 -2.29
N VAL A 106 -0.51 -2.10 -1.61
CA VAL A 106 -1.59 -1.36 -0.98
C VAL A 106 -1.05 -0.56 0.19
N ILE A 107 -0.04 -1.12 0.86
CA ILE A 107 0.60 -0.44 1.98
C ILE A 107 1.28 0.82 1.45
N MET A 108 1.98 0.71 0.33
CA MET A 108 2.65 1.88 -0.25
C MET A 108 1.62 2.93 -0.65
N LEU A 109 0.50 2.47 -1.21
CA LEU A 109 -0.57 3.39 -1.60
C LEU A 109 -1.21 4.09 -0.39
N ARG A 110 -1.62 3.30 0.60
CA ARG A 110 -2.28 3.87 1.75
C ARG A 110 -1.39 4.76 2.60
N SER A 111 -0.08 4.53 2.56
CA SER A 111 0.86 5.32 3.33
C SER A 111 0.94 6.76 2.82
N ASN A 112 0.41 7.00 1.63
CA ASN A 112 0.45 8.34 1.06
C ASN A 112 -0.30 9.31 1.98
N GLU A 113 -1.24 8.78 2.75
CA GLU A 113 -2.03 9.60 3.66
C GLU A 113 -1.17 10.17 4.79
N SER A 114 -0.15 9.43 5.22
CA SER A 114 0.74 9.93 6.29
C SER A 114 1.96 10.62 5.69
N PHE A 115 2.19 10.39 4.40
CA PHE A 115 3.33 11.01 3.74
C PHE A 115 3.12 12.50 3.62
N THR A 116 4.18 13.28 3.82
CA THR A 116 4.08 14.72 3.68
C THR A 116 5.23 15.26 2.87
N MET A 117 4.92 16.15 1.93
CA MET A 117 5.94 16.75 1.09
C MET A 117 6.63 17.90 1.80
N ASP A 118 6.19 18.19 3.02
CA ASP A 118 6.82 19.26 3.79
C ASP A 118 8.31 18.92 3.95
N ASP A 119 8.59 17.67 4.32
CA ASP A 119 9.97 17.23 4.53
C ASP A 119 10.22 15.83 3.96
N MET A 120 9.36 15.40 3.05
CA MET A 120 9.47 14.08 2.42
C MET A 120 9.56 12.94 3.42
N SER A 121 8.59 12.88 4.31
CA SER A 121 8.57 11.84 5.32
C SER A 121 7.16 11.33 5.52
N TRP A 122 7.06 10.21 6.21
CA TRP A 122 5.77 9.63 6.57
C TRP A 122 5.70 10.03 8.03
N THR A 123 4.81 10.96 8.35
CA THR A 123 4.69 11.42 9.73
C THR A 123 3.41 10.89 10.36
N CYS A 124 3.59 10.04 11.38
CA CYS A 124 2.45 9.46 12.06
C CYS A 124 2.38 9.95 13.50
N GLY A 125 2.45 11.27 13.66
CA GLY A 125 2.39 11.85 14.99
C GLY A 125 3.69 12.53 15.37
N ASN A 126 4.13 12.30 16.61
CA ASN A 126 5.36 12.91 17.11
C ASN A 126 6.59 12.43 16.33
N GLN A 127 7.74 12.97 16.70
CA GLN A 127 9.02 12.64 16.07
C GLN A 127 9.34 11.15 16.12
N ASP A 128 8.93 10.49 17.20
CA ASP A 128 9.20 9.06 17.34
C ASP A 128 8.63 8.27 16.16
N TYR A 129 7.47 8.67 15.68
CA TYR A 129 6.82 7.96 14.58
C TYR A 129 6.88 8.70 13.24
N LYS A 130 8.01 9.35 12.98
CA LYS A 130 8.24 10.05 11.73
C LYS A 130 9.27 9.20 11.02
N TYR A 131 8.99 8.79 9.78
CA TYR A 131 9.92 7.94 9.05
C TYR A 131 10.45 8.60 7.80
N ARG A 132 11.77 8.64 7.68
CA ARG A 132 12.43 9.23 6.53
C ARG A 132 13.25 8.13 5.88
N VAL A 133 13.96 8.46 4.79
CA VAL A 133 14.78 7.47 4.11
C VAL A 133 15.74 6.77 5.06
N SER A 134 16.40 7.52 5.94
CA SER A 134 17.36 6.95 6.86
C SER A 134 16.75 5.87 7.75
N ASP A 135 15.51 6.07 8.18
CA ASP A 135 14.84 5.10 9.03
C ASP A 135 14.57 3.79 8.30
N VAL A 136 14.30 3.87 7.00
CA VAL A 136 14.02 2.67 6.22
C VAL A 136 15.33 1.93 5.92
N THR A 137 16.43 2.67 5.80
CA THR A 137 17.71 2.00 5.55
C THR A 137 18.12 1.27 6.81
N LYS A 138 17.70 1.79 7.97
CA LYS A 138 18.01 1.16 9.25
C LYS A 138 17.19 -0.11 9.46
N ALA A 139 16.24 -0.37 8.55
CA ALA A 139 15.43 -1.58 8.64
C ALA A 139 15.98 -2.62 7.67
N GLY A 140 17.06 -2.28 6.98
CA GLY A 140 17.66 -3.22 6.06
C GLY A 140 17.43 -3.01 4.57
N HIS A 141 16.72 -1.94 4.22
CA HIS A 141 16.47 -1.66 2.81
C HIS A 141 17.46 -0.65 2.26
N SER A 142 17.63 -0.65 0.94
CA SER A 142 18.57 0.26 0.30
C SER A 142 17.85 1.35 -0.49
N LEU A 143 18.62 2.34 -0.93
CA LEU A 143 18.09 3.46 -1.68
C LEU A 143 17.45 2.99 -2.99
N GLU A 144 17.85 1.82 -3.45
CA GLU A 144 17.33 1.25 -4.70
C GLU A 144 15.81 1.10 -4.61
N LEU A 145 15.31 1.00 -3.38
CA LEU A 145 13.88 0.87 -3.16
C LEU A 145 13.28 2.16 -2.59
N ILE A 146 13.92 2.69 -1.56
CA ILE A 146 13.44 3.89 -0.89
C ILE A 146 13.31 5.15 -1.75
N GLU A 147 14.31 5.45 -2.57
CA GLU A 147 14.25 6.64 -3.40
C GLU A 147 13.09 6.58 -4.40
N PRO A 148 12.92 5.47 -5.13
CA PRO A 148 11.81 5.39 -6.08
C PRO A 148 10.48 5.45 -5.34
N LEU A 149 10.46 4.91 -4.11
CA LEU A 149 9.24 4.92 -3.31
C LEU A 149 8.85 6.35 -2.95
N ILE A 150 9.83 7.16 -2.53
CA ILE A 150 9.58 8.55 -2.18
C ILE A 150 9.10 9.29 -3.43
N LYS A 151 9.73 8.99 -4.57
CA LYS A 151 9.34 9.63 -5.82
C LYS A 151 7.90 9.25 -6.11
N PHE A 152 7.57 7.99 -5.85
CA PHE A 152 6.22 7.49 -6.06
C PHE A 152 5.23 8.23 -5.16
N GLN A 153 5.60 8.41 -3.89
CA GLN A 153 4.74 9.11 -2.95
C GLN A 153 4.44 10.54 -3.39
N VAL A 154 5.47 11.23 -3.89
CA VAL A 154 5.27 12.60 -4.34
C VAL A 154 4.36 12.64 -5.57
N GLY A 155 4.63 11.77 -6.53
CA GLY A 155 3.81 11.73 -7.73
C GLY A 155 2.35 11.46 -7.40
N LEU A 156 2.12 10.53 -6.47
CA LEU A 156 0.77 10.19 -6.06
C LEU A 156 0.16 11.37 -5.32
N LYS A 157 0.95 12.00 -4.45
CA LYS A 157 0.49 13.13 -3.68
C LYS A 157 0.06 14.28 -4.59
N LYS A 158 0.81 14.49 -5.67
CA LYS A 158 0.50 15.57 -6.60
C LYS A 158 -0.75 15.33 -7.44
N LEU A 159 -1.28 14.11 -7.41
CA LEU A 159 -2.51 13.84 -8.15
C LEU A 159 -3.69 14.43 -7.39
N ASN A 160 -3.48 14.76 -6.12
CA ASN A 160 -4.53 15.32 -5.29
C ASN A 160 -5.82 14.51 -5.40
N LEU A 161 -5.70 13.20 -5.19
CA LEU A 161 -6.85 12.32 -5.28
C LEU A 161 -7.91 12.60 -4.22
N HIS A 162 -9.17 12.46 -4.61
CA HIS A 162 -10.27 12.62 -3.67
C HIS A 162 -10.21 11.32 -2.90
N GLU A 163 -10.73 11.28 -1.69
CA GLU A 163 -10.69 10.03 -0.95
C GLU A 163 -11.39 8.93 -1.75
N GLU A 164 -12.43 9.30 -2.48
CA GLU A 164 -13.15 8.33 -3.31
C GLU A 164 -12.22 7.65 -4.32
N GLU A 165 -11.41 8.47 -4.98
CA GLU A 165 -10.46 7.95 -5.97
C GLU A 165 -9.39 7.10 -5.30
N HIS A 166 -8.98 7.55 -4.12
CA HIS A 166 -7.95 6.86 -3.33
C HIS A 166 -8.36 5.43 -2.94
N VAL A 167 -9.57 5.28 -2.39
CA VAL A 167 -10.03 3.96 -1.99
C VAL A 167 -10.34 3.07 -3.18
N LEU A 168 -10.81 3.66 -4.27
CA LEU A 168 -11.09 2.87 -5.47
C LEU A 168 -9.77 2.36 -6.05
N LEU A 169 -8.74 3.20 -6.00
CA LEU A 169 -7.43 2.81 -6.53
C LEU A 169 -6.88 1.62 -5.74
N MET A 170 -7.03 1.66 -4.42
CA MET A 170 -6.56 0.56 -3.59
C MET A 170 -7.33 -0.72 -3.90
N ALA A 171 -8.65 -0.60 -4.08
CA ALA A 171 -9.48 -1.76 -4.38
C ALA A 171 -9.08 -2.38 -5.73
N ILE A 172 -8.85 -1.53 -6.72
CA ILE A 172 -8.47 -1.97 -8.06
C ILE A 172 -7.11 -2.65 -8.00
N CYS A 173 -6.23 -2.12 -7.17
CA CYS A 173 -4.90 -2.68 -6.99
C CYS A 173 -5.00 -4.11 -6.46
N ILE A 174 -5.85 -4.29 -5.45
CA ILE A 174 -6.03 -5.60 -4.83
C ILE A 174 -6.70 -6.61 -5.76
N VAL A 175 -7.80 -6.19 -6.38
CA VAL A 175 -8.53 -7.08 -7.28
C VAL A 175 -7.96 -7.03 -8.69
N SER A 176 -6.77 -7.59 -8.86
CA SER A 176 -6.09 -7.61 -10.15
C SER A 176 -6.03 -9.03 -10.71
N PRO A 177 -6.57 -9.25 -11.91
CA PRO A 177 -6.57 -10.58 -12.53
C PRO A 177 -5.19 -11.04 -13.02
N ASP A 178 -4.25 -10.10 -13.15
CA ASP A 178 -2.92 -10.45 -13.63
C ASP A 178 -1.91 -10.71 -12.53
N ARG A 179 -2.35 -11.41 -11.47
CA ARG A 179 -1.47 -11.76 -10.37
C ARG A 179 -1.14 -13.24 -10.55
N PRO A 180 0.14 -13.59 -10.52
CA PRO A 180 0.50 -15.00 -10.70
C PRO A 180 -0.18 -15.91 -9.66
N GLY A 181 -0.74 -17.02 -10.13
CA GLY A 181 -1.39 -17.95 -9.22
C GLY A 181 -2.90 -17.84 -9.11
N VAL A 182 -3.49 -16.81 -9.68
CA VAL A 182 -4.94 -16.66 -9.62
C VAL A 182 -5.60 -17.75 -10.46
N GLN A 183 -6.69 -18.31 -9.95
CA GLN A 183 -7.38 -19.37 -10.66
C GLN A 183 -8.51 -18.85 -11.55
N ASP A 184 -9.37 -18.01 -10.99
CA ASP A 184 -10.48 -17.47 -11.76
C ASP A 184 -10.21 -16.03 -12.16
N ALA A 185 -9.31 -15.86 -13.12
CA ALA A 185 -8.94 -14.52 -13.60
C ALA A 185 -10.14 -13.79 -14.18
N ALA A 186 -11.06 -14.53 -14.78
CA ALA A 186 -12.24 -13.93 -15.38
C ALA A 186 -13.13 -13.23 -14.36
N LEU A 187 -13.40 -13.92 -13.25
CA LEU A 187 -14.23 -13.34 -12.20
C LEU A 187 -13.55 -12.14 -11.58
N ILE A 188 -12.25 -12.25 -11.35
CA ILE A 188 -11.47 -11.16 -10.77
C ILE A 188 -11.52 -9.95 -11.69
N GLU A 189 -11.37 -10.17 -13.00
CA GLU A 189 -11.40 -9.08 -13.97
C GLU A 189 -12.78 -8.43 -14.01
N ALA A 190 -13.82 -9.22 -13.82
CA ALA A 190 -15.18 -8.69 -13.83
C ALA A 190 -15.37 -7.74 -12.64
N ILE A 191 -14.86 -8.15 -11.48
CA ILE A 191 -14.96 -7.34 -10.28
C ILE A 191 -14.12 -6.07 -10.45
N GLN A 192 -12.91 -6.23 -10.97
CA GLN A 192 -12.03 -5.09 -11.16
C GLN A 192 -12.64 -4.11 -12.16
N ASP A 193 -13.26 -4.64 -13.23
CA ASP A 193 -13.87 -3.77 -14.23
C ASP A 193 -15.00 -2.96 -13.62
N ARG A 194 -15.74 -3.58 -12.70
CA ARG A 194 -16.84 -2.90 -12.04
C ARG A 194 -16.28 -1.74 -11.22
N LEU A 195 -15.15 -2.00 -10.56
CA LEU A 195 -14.51 -0.98 -9.75
C LEU A 195 -13.88 0.08 -10.65
N SER A 196 -13.23 -0.34 -11.72
CA SER A 196 -12.59 0.57 -12.66
C SER A 196 -13.61 1.47 -13.34
N ASN A 197 -14.76 0.89 -13.72
CA ASN A 197 -15.80 1.67 -14.36
C ASN A 197 -16.35 2.70 -13.38
N THR A 198 -16.43 2.32 -12.12
CA THR A 198 -16.91 3.22 -11.08
C THR A 198 -15.94 4.40 -11.00
N LEU A 199 -14.64 4.10 -10.95
CA LEU A 199 -13.62 5.14 -10.86
C LEU A 199 -13.65 6.06 -12.07
N GLN A 200 -13.72 5.48 -13.26
CA GLN A 200 -13.76 6.28 -14.48
C GLN A 200 -14.97 7.20 -14.47
N THR A 201 -16.11 6.67 -14.04
CA THR A 201 -17.34 7.43 -13.98
C THR A 201 -17.21 8.53 -12.94
N TYR A 202 -16.69 8.20 -11.77
CA TYR A 202 -16.53 9.19 -10.71
C TYR A 202 -15.63 10.33 -11.17
N ILE A 203 -14.50 10.00 -11.79
CA ILE A 203 -13.57 11.03 -12.26
C ILE A 203 -14.23 11.96 -13.27
N ARG A 204 -15.01 11.40 -14.18
CA ARG A 204 -15.67 12.22 -15.19
C ARG A 204 -16.72 13.13 -14.54
N CYS A 205 -17.37 12.63 -13.50
CA CYS A 205 -18.39 13.41 -12.80
C CYS A 205 -17.80 14.57 -12.01
N ARG A 206 -16.68 14.34 -11.35
CA ARG A 206 -16.03 15.36 -10.53
C ARG A 206 -14.90 16.11 -11.23
N HIS A 207 -14.48 15.62 -12.39
CA HIS A 207 -13.40 16.25 -13.13
C HIS A 207 -13.76 16.40 -14.61
N PRO A 208 -13.75 17.64 -15.13
CA PRO A 208 -14.08 17.88 -16.54
C PRO A 208 -12.99 17.34 -17.47
N PRO A 209 -13.36 17.01 -18.72
CA PRO A 209 -12.42 16.48 -19.71
C PRO A 209 -11.19 17.37 -19.88
N GLY A 211 -8.06 17.15 -15.15
CA GLY A 211 -8.21 16.39 -16.37
C GLY A 211 -8.72 14.99 -16.09
N SER A 212 -9.97 14.72 -16.49
CA SER A 212 -10.58 13.41 -16.27
C SER A 212 -9.80 12.28 -16.94
N HIS A 213 -9.60 12.39 -18.25
CA HIS A 213 -8.87 11.37 -18.99
C HIS A 213 -7.41 11.29 -18.57
N LEU A 214 -6.83 12.45 -18.26
CA LEU A 214 -5.44 12.50 -17.83
C LEU A 214 -5.29 11.88 -16.44
N LEU A 215 -6.22 12.18 -15.54
CA LEU A 215 -6.14 11.64 -14.20
C LEU A 215 -6.25 10.12 -14.16
N TYR A 216 -7.24 9.56 -14.84
CA TYR A 216 -7.40 8.11 -14.83
C TYR A 216 -6.15 7.43 -15.36
N ALA A 217 -5.60 7.96 -16.46
CA ALA A 217 -4.41 7.39 -17.05
C ALA A 217 -3.25 7.45 -16.06
N LYS A 218 -3.15 8.56 -15.35
CA LYS A 218 -2.08 8.74 -14.36
C LYS A 218 -2.22 7.76 -13.20
N MET A 219 -3.47 7.48 -12.80
CA MET A 219 -3.73 6.56 -11.71
C MET A 219 -3.38 5.14 -12.12
N ILE A 220 -3.75 4.77 -13.34
CA ILE A 220 -3.44 3.44 -13.85
C ILE A 220 -1.92 3.29 -13.94
N GLN A 221 -1.23 4.36 -14.30
CA GLN A 221 0.22 4.30 -14.39
C GLN A 221 0.82 4.04 -13.00
N LYS A 222 0.19 4.57 -11.97
CA LYS A 222 0.70 4.36 -10.60
C LYS A 222 0.63 2.88 -10.26
N LEU A 223 -0.39 2.20 -10.77
CA LEU A 223 -0.54 0.78 -10.50
C LEU A 223 0.62 0.01 -11.15
N ALA A 224 1.09 0.50 -12.29
CA ALA A 224 2.20 -0.15 -12.98
C ALA A 224 3.47 0.11 -12.17
N ASP A 225 3.62 1.34 -11.68
CA ASP A 225 4.78 1.71 -10.86
C ASP A 225 4.87 0.83 -9.63
N LEU A 226 3.71 0.52 -9.05
CA LEU A 226 3.64 -0.31 -7.86
C LEU A 226 4.17 -1.71 -8.09
N ARG A 227 3.98 -2.24 -9.29
CA ARG A 227 4.45 -3.57 -9.63
C ARG A 227 5.98 -3.60 -9.57
N SER A 228 6.61 -2.54 -10.06
CA SER A 228 8.07 -2.45 -10.05
C SER A 228 8.56 -2.32 -8.61
N LEU A 229 7.89 -1.49 -7.83
CA LEU A 229 8.26 -1.29 -6.43
C LEU A 229 8.10 -2.61 -5.67
N ASN A 230 7.05 -3.35 -5.99
CA ASN A 230 6.76 -4.63 -5.38
C ASN A 230 7.94 -5.59 -5.64
N GLU A 231 8.38 -5.64 -6.89
CA GLU A 231 9.49 -6.52 -7.25
C GLU A 231 10.78 -6.16 -6.52
N GLU A 232 11.12 -4.87 -6.50
CA GLU A 232 12.33 -4.43 -5.82
C GLU A 232 12.24 -4.76 -4.33
N HIS A 233 11.08 -4.53 -3.72
CA HIS A 233 10.94 -4.84 -2.30
C HIS A 233 11.16 -6.33 -2.05
N SER A 234 10.62 -7.17 -2.94
CA SER A 234 10.76 -8.61 -2.79
C SER A 234 12.23 -9.03 -2.85
N LYS A 235 12.97 -8.42 -3.76
CA LYS A 235 14.40 -8.74 -3.89
C LYS A 235 15.12 -8.38 -2.61
N GLN A 236 14.84 -7.19 -2.09
CA GLN A 236 15.47 -6.73 -0.86
C GLN A 236 15.03 -7.50 0.38
N TYR A 237 13.77 -7.94 0.40
CA TYR A 237 13.28 -8.71 1.54
C TYR A 237 14.07 -10.02 1.58
N ARG A 238 14.29 -10.60 0.41
CA ARG A 238 15.04 -11.85 0.31
C ARG A 238 16.41 -11.69 1.00
N CYS A 239 17.13 -10.63 0.64
CA CYS A 239 18.44 -10.37 1.22
C CYS A 239 18.33 -10.24 2.73
N LEU A 240 17.37 -9.44 3.18
CA LEU A 240 17.14 -9.21 4.59
C LEU A 240 16.92 -10.54 5.33
N SER A 241 16.13 -11.42 4.73
CA SER A 241 15.83 -12.71 5.34
C SER A 241 17.07 -13.57 5.58
N PHE A 242 18.15 -13.29 4.85
CA PHE A 242 19.38 -14.05 5.02
C PHE A 242 20.10 -13.68 6.31
N GLN A 243 19.76 -12.52 6.87
CA GLN A 243 20.42 -12.10 8.10
C GLN A 243 20.00 -12.96 9.28
N PRO A 244 20.98 -13.58 9.96
CA PRO A 244 20.66 -14.44 11.11
C PRO A 244 19.84 -13.71 12.18
N GLU A 245 18.81 -14.39 12.68
CA GLU A 245 17.93 -13.85 13.71
C GLU A 245 16.94 -12.83 13.18
N CYS A 246 16.87 -12.68 11.86
CA CYS A 246 15.97 -11.70 11.25
C CYS A 246 14.50 -12.06 11.50
N SER A 247 14.20 -13.37 11.51
CA SER A 247 12.82 -13.81 11.71
C SER A 247 12.20 -13.24 12.97
N MET A 248 12.98 -13.18 14.06
CA MET A 248 12.47 -12.65 15.32
C MET A 248 12.18 -11.15 15.26
N LYS A 249 12.81 -10.47 14.29
CA LYS A 249 12.60 -9.04 14.14
C LYS A 249 11.39 -8.75 13.26
N LEU A 250 10.87 -9.80 12.64
CA LEU A 250 9.69 -9.65 11.79
C LEU A 250 8.48 -10.17 12.57
N THR A 251 7.45 -10.61 11.85
CA THR A 251 6.26 -11.16 12.47
C THR A 251 5.84 -12.35 11.62
N PRO A 252 5.04 -13.27 12.19
CA PRO A 252 4.58 -14.43 11.43
C PRO A 252 3.86 -14.06 10.14
N LEU A 253 3.01 -13.03 10.21
CA LEU A 253 2.27 -12.59 9.03
C LEU A 253 3.21 -12.06 7.95
N VAL A 254 4.17 -11.24 8.37
CA VAL A 254 5.15 -10.68 7.44
C VAL A 254 5.93 -11.83 6.78
N LEU A 255 6.42 -12.76 7.60
CA LEU A 255 7.19 -13.89 7.10
C LEU A 255 6.42 -14.67 6.03
N GLU A 256 5.13 -14.90 6.26
CA GLU A 256 4.32 -15.64 5.30
C GLU A 256 4.03 -14.84 4.04
N VAL A 257 3.58 -13.61 4.22
CA VAL A 257 3.25 -12.75 3.09
C VAL A 257 4.43 -12.51 2.15
N PHE A 258 5.60 -12.27 2.71
CA PHE A 258 6.77 -12.01 1.87
C PHE A 258 7.70 -13.21 1.69
N GLY A 259 7.44 -14.28 2.42
CA GLY A 259 8.27 -15.47 2.30
C GLY A 259 8.05 -16.22 1.01
#